data_6HL1
#
_entry.id   6HL1
#
_cell.length_a   84.444
_cell.length_b   33.815
_cell.length_c   83.040
_cell.angle_alpha   90.00
_cell.angle_beta   101.47
_cell.angle_gamma   90.00
#
_symmetry.space_group_name_H-M   'C 1 2 1'
#
loop_
_entity.id
_entity.type
_entity.pdbx_description
1 polymer 'Bile acid receptor'
2 polymer 'NCoA-2 peptide (Nuclear receptor coactivator 2), LYS-GLU-ASN-ALA-LEU-LEU-ARG-TYR-LEU-LEU-ASP-LYS-ASP'
3 non-polymer 'CHENODEOXYCHOLIC ACID'
4 water water
#
loop_
_entity_poly.entity_id
_entity_poly.type
_entity_poly.pdbx_seq_one_letter_code
_entity_poly.pdbx_strand_id
1 'polypeptide(L)'
;SHMELTPDQQTLLHFIMDSYNKQRMPQEITNKILKEEFSAEENFLILTEMATNHVQVLVEFTKKLPGFQTLDHEDQIALL
KGSAVEAMFLRSAEIFNKKLPSGHSDLLEERIRNSGISDEYITPMFSFYKSIGELKMTQEEYALLTAIVILSPDRQYIKD
REAVEKLQEPLLDVLQKLCKIHQPENPQHFACLLGRLTELRTFNHHHAEMLMSWRVNDHKFTPLLCEIWDVQ
;
A
2 'polypeptide(L)' KENALLRYLLDKD B
#
# COMPACT_ATOMS: atom_id res chain seq x y z
N HIS A 2 -22.96 -6.36 13.09
CA HIS A 2 -23.74 -7.59 13.32
C HIS A 2 -23.13 -8.32 14.51
N MET A 3 -22.13 -9.16 14.25
CA MET A 3 -21.38 -9.74 15.34
C MET A 3 -20.35 -8.72 15.81
N GLU A 4 -20.40 -8.37 17.09
CA GLU A 4 -19.52 -7.35 17.62
C GLU A 4 -18.09 -7.86 17.68
N LEU A 5 -17.14 -6.93 17.57
CA LEU A 5 -15.74 -7.25 17.85
C LEU A 5 -15.61 -7.67 19.31
N THR A 6 -14.88 -8.76 19.54
CA THR A 6 -14.54 -9.14 20.90
C THR A 6 -13.57 -8.12 21.47
N PRO A 7 -13.40 -8.10 22.79
CA PRO A 7 -12.41 -7.20 23.39
C PRO A 7 -11.01 -7.33 22.81
N ASP A 8 -10.50 -8.54 22.58
CA ASP A 8 -9.17 -8.64 21.97
C ASP A 8 -9.18 -8.16 20.53
N GLN A 9 -10.31 -8.35 19.82
CA GLN A 9 -10.38 -7.84 18.45
C GLN A 9 -10.37 -6.32 18.44
N GLN A 10 -11.09 -5.69 19.38
CA GLN A 10 -11.05 -4.24 19.53
C GLN A 10 -9.64 -3.74 19.79
N THR A 11 -8.90 -4.45 20.65
CA THR A 11 -7.52 -4.06 20.94
C THR A 11 -6.65 -4.15 19.70
N LEU A 12 -6.74 -5.26 18.95
CA LEU A 12 -6.03 -5.39 17.68
C LEU A 12 -6.36 -4.24 16.73
N LEU A 13 -7.64 -3.92 16.58
CA LEU A 13 -8.03 -2.83 15.69
C LEU A 13 -7.41 -1.51 16.15
N HIS A 14 -7.45 -1.24 17.46
CA HIS A 14 -6.84 -0.01 17.99
C HIS A 14 -5.36 0.06 17.65
N PHE A 15 -4.62 -1.05 17.81
CA PHE A 15 -3.20 -1.03 17.45
C PHE A 15 -2.99 -0.72 15.97
N ILE A 16 -3.83 -1.32 15.11
CA ILE A 16 -3.68 -1.09 13.67
C ILE A 16 -4.00 0.35 13.33
N MET A 17 -5.08 0.89 13.92
CA MET A 17 -5.46 2.28 13.62
C MET A 17 -4.47 3.26 14.22
N ASP A 18 -3.94 2.98 15.42
CA ASP A 18 -2.86 3.82 15.94
C ASP A 18 -1.74 3.91 14.91
N SER A 19 -1.35 2.75 14.35
CA SER A 19 -0.21 2.72 13.44
C SER A 19 -0.54 3.36 12.10
N TYR A 20 -1.76 3.16 11.61
CA TYR A 20 -2.17 3.70 10.31
C TYR A 20 -2.21 5.22 10.30
N ASN A 21 -2.67 5.83 11.39
CA ASN A 21 -2.76 7.28 11.47
C ASN A 21 -1.49 7.94 11.99
N LYS A 22 -0.44 7.17 12.26
CA LYS A 22 0.74 7.72 12.92
C LYS A 22 1.56 8.61 11.97
N GLN A 23 2.15 8.02 10.95
CA GLN A 23 3.06 8.72 10.05
C GLN A 23 2.33 9.19 8.79
N ARG A 24 2.82 10.28 8.22
CA ARG A 24 2.25 10.82 6.99
C ARG A 24 3.35 11.39 6.12
N MET A 25 3.02 12.38 5.30
CA MET A 25 3.96 12.94 4.36
C MET A 25 4.48 14.30 4.83
N PRO A 26 5.79 14.50 4.73
CA PRO A 26 6.37 15.81 5.04
C PRO A 26 5.70 16.93 4.25
N GLN A 27 5.35 18.01 4.95
CA GLN A 27 4.65 19.12 4.32
C GLN A 27 5.48 19.79 3.22
N GLU A 28 6.81 19.65 3.26
CA GLU A 28 7.60 20.14 2.12
C GLU A 28 7.20 19.46 0.83
N ILE A 29 6.79 18.18 0.91
CA ILE A 29 6.38 17.46 -0.29
C ILE A 29 4.98 17.89 -0.74
N THR A 30 4.07 18.09 0.22
CA THR A 30 2.74 18.59 -0.14
C THR A 30 2.80 20.01 -0.68
N ASN A 31 3.80 20.79 -0.25
CA ASN A 31 4.00 22.11 -0.83
C ASN A 31 4.29 22.02 -2.31
N LYS A 32 5.12 21.06 -2.71
CA LYS A 32 5.49 20.92 -4.11
C LYS A 32 4.29 20.52 -4.97
N ILE A 33 3.40 19.69 -4.42
CA ILE A 33 2.22 19.25 -5.22
C ILE A 33 1.37 20.45 -5.63
N LEU A 34 1.25 21.46 -4.77
CA LEU A 34 0.41 22.62 -5.05
C LEU A 34 1.14 23.76 -5.75
N LYS A 35 2.45 23.94 -5.52
CA LYS A 35 3.15 25.15 -5.93
C LYS A 35 4.21 24.92 -6.99
N GLU A 36 4.81 23.72 -7.06
CA GLU A 36 5.97 23.56 -7.92
C GLU A 36 5.57 23.66 -9.39
N GLU A 37 6.59 23.90 -10.24
CA GLU A 37 6.40 23.92 -11.69
C GLU A 37 5.68 22.66 -12.15
N PHE A 38 4.90 22.81 -13.21
CA PHE A 38 4.18 21.70 -13.82
C PHE A 38 4.86 21.34 -15.13
N SER A 39 5.69 20.30 -15.08
CA SER A 39 6.33 19.74 -16.26
C SER A 39 6.47 18.25 -16.01
N ALA A 40 6.68 17.49 -17.09
CA ALA A 40 6.84 16.05 -16.91
C ALA A 40 8.01 15.76 -15.97
N GLU A 41 9.09 16.53 -16.12
CA GLU A 41 10.29 16.32 -15.32
C GLU A 41 10.03 16.61 -13.86
N GLU A 42 9.43 17.77 -13.56
CA GLU A 42 9.08 18.10 -12.18
C GLU A 42 8.12 17.07 -11.60
N ASN A 43 7.16 16.62 -12.40
CA ASN A 43 6.19 15.65 -11.92
C ASN A 43 6.84 14.31 -11.62
N PHE A 44 7.73 13.85 -12.50
CA PHE A 44 8.44 12.61 -12.24
C PHE A 44 9.19 12.67 -10.92
N LEU A 45 9.89 13.78 -10.67
CA LEU A 45 10.71 13.89 -9.46
C LEU A 45 9.85 13.96 -8.21
N ILE A 46 8.77 14.75 -8.26
CA ILE A 46 7.84 14.82 -7.13
C ILE A 46 7.23 13.46 -6.83
N LEU A 47 6.69 12.80 -7.87
CA LEU A 47 5.94 11.57 -7.63
C LEU A 47 6.85 10.47 -7.10
N THR A 48 8.08 10.40 -7.59
CA THR A 48 9.00 9.41 -7.07
C THR A 48 9.50 9.80 -5.68
N GLU A 49 9.65 11.10 -5.39
CA GLU A 49 9.91 11.51 -4.02
C GLU A 49 8.79 11.07 -3.08
N MET A 50 7.54 11.28 -3.49
CA MET A 50 6.39 10.85 -2.68
C MET A 50 6.38 9.33 -2.50
N ALA A 51 6.63 8.59 -3.57
CA ALA A 51 6.61 7.14 -3.49
C ALA A 51 7.70 6.61 -2.56
N THR A 52 8.88 7.22 -2.59
CA THR A 52 9.95 6.89 -1.65
C THR A 52 9.52 7.11 -0.21
N ASN A 53 8.91 8.27 0.07
CA ASN A 53 8.38 8.53 1.41
C ASN A 53 7.33 7.50 1.80
N HIS A 54 6.48 7.09 0.85
CA HIS A 54 5.42 6.14 1.20
C HIS A 54 6.02 4.79 1.61
N VAL A 55 7.10 4.36 0.96
CA VAL A 55 7.78 3.13 1.39
C VAL A 55 8.26 3.26 2.83
N GLN A 56 8.86 4.41 3.18
CA GLN A 56 9.31 4.60 4.56
C GLN A 56 8.14 4.53 5.54
N VAL A 57 7.02 5.15 5.19
CA VAL A 57 5.84 5.11 6.05
C VAL A 57 5.28 3.69 6.11
N LEU A 58 5.30 2.98 4.99
CA LEU A 58 4.85 1.59 4.98
C LEU A 58 5.68 0.73 5.92
N VAL A 59 7.01 0.92 5.94
CA VAL A 59 7.85 0.15 6.84
C VAL A 59 7.48 0.42 8.30
N GLU A 60 7.27 1.70 8.64
CA GLU A 60 6.95 2.07 10.02
C GLU A 60 5.59 1.53 10.43
N PHE A 61 4.61 1.57 9.52
CA PHE A 61 3.29 0.97 9.77
C PHE A 61 3.43 -0.50 10.07
N THR A 62 4.16 -1.21 9.21
CA THR A 62 4.24 -2.66 9.28
C THR A 62 4.92 -3.12 10.57
N LYS A 63 5.97 -2.41 10.99
CA LYS A 63 6.68 -2.79 12.21
C LYS A 63 5.78 -2.75 13.44
N LYS A 64 4.69 -1.99 13.40
CA LYS A 64 3.80 -1.85 14.54
C LYS A 64 2.57 -2.75 14.44
N LEU A 65 2.49 -3.59 13.41
CA LEU A 65 1.43 -4.59 13.34
C LEU A 65 1.72 -5.67 14.37
N PRO A 66 0.78 -5.98 15.25
CA PRO A 66 1.01 -7.00 16.28
C PRO A 66 1.52 -8.30 15.66
N GLY A 67 2.62 -8.82 16.24
CA GLY A 67 3.21 -10.05 15.79
C GLY A 67 4.24 -9.92 14.69
N PHE A 68 4.29 -8.79 13.97
CA PHE A 68 5.17 -8.74 12.81
C PHE A 68 6.63 -8.89 13.22
N GLN A 69 7.02 -8.29 14.33
CA GLN A 69 8.41 -8.33 14.72
C GLN A 69 8.81 -9.67 15.34
N THR A 70 7.86 -10.55 15.60
CA THR A 70 8.17 -11.91 16.00
C THR A 70 8.50 -12.82 14.82
N LEU A 71 8.25 -12.38 13.60
CA LEU A 71 8.52 -13.22 12.44
C LEU A 71 10.00 -13.26 12.15
N ASP A 72 10.41 -14.34 11.49
CA ASP A 72 11.77 -14.45 10.98
C ASP A 72 12.18 -13.19 10.22
N HIS A 73 13.43 -12.79 10.42
CA HIS A 73 13.86 -11.50 9.89
C HIS A 73 13.85 -11.46 8.36
N GLU A 74 14.31 -12.52 7.70
CA GLU A 74 14.28 -12.51 6.23
C GLU A 74 12.84 -12.50 5.72
N ASP A 75 11.95 -13.18 6.44
CA ASP A 75 10.54 -13.15 6.05
C ASP A 75 9.95 -11.75 6.21
N GLN A 76 10.33 -11.02 7.26
CA GLN A 76 9.92 -9.62 7.38
C GLN A 76 10.27 -8.82 6.13
N ILE A 77 11.51 -8.96 5.65
CA ILE A 77 11.95 -8.23 4.46
C ILE A 77 11.14 -8.64 3.25
N ALA A 78 10.92 -9.96 3.07
CA ALA A 78 10.18 -10.45 1.93
C ALA A 78 8.74 -9.97 1.93
N LEU A 79 8.12 -9.87 3.12
CA LEU A 79 6.75 -9.38 3.18
C LEU A 79 6.67 -7.92 2.81
N LEU A 80 7.61 -7.12 3.32
CA LEU A 80 7.60 -5.69 3.02
C LEU A 80 7.82 -5.45 1.54
N LYS A 81 8.86 -6.06 0.98
CA LYS A 81 9.12 -5.85 -0.44
C LYS A 81 7.98 -6.38 -1.29
N GLY A 82 7.38 -7.52 -0.92
CA GLY A 82 6.35 -8.11 -1.74
C GLY A 82 5.02 -7.39 -1.70
N SER A 83 4.80 -6.52 -0.70
CA SER A 83 3.53 -5.84 -0.54
C SER A 83 3.58 -4.36 -0.90
N ALA A 84 4.77 -3.80 -1.15
CA ALA A 84 4.90 -2.36 -1.31
C ALA A 84 4.00 -1.84 -2.42
N VAL A 85 3.97 -2.52 -3.57
CA VAL A 85 3.19 -2.01 -4.69
C VAL A 85 1.70 -2.12 -4.38
N GLU A 86 1.26 -3.26 -3.85
CA GLU A 86 -0.17 -3.42 -3.57
C GLU A 86 -0.63 -2.42 -2.51
N ALA A 87 0.21 -2.17 -1.51
CA ALA A 87 -0.16 -1.19 -0.48
C ALA A 87 -0.22 0.20 -1.07
N MET A 88 0.68 0.51 -2.01
N MET A 88 0.67 0.51 -2.01
CA MET A 88 0.63 1.81 -2.68
CA MET A 88 0.62 1.81 -2.67
C MET A 88 -0.64 1.97 -3.50
C MET A 88 -0.66 1.97 -3.48
N PHE A 89 -1.13 0.88 -4.12
CA PHE A 89 -2.39 0.97 -4.86
C PHE A 89 -3.55 1.26 -3.92
N LEU A 90 -3.60 0.57 -2.78
CA LEU A 90 -4.69 0.79 -1.83
C LEU A 90 -4.66 2.22 -1.30
N ARG A 91 -3.47 2.74 -0.99
CA ARG A 91 -3.36 4.12 -0.53
C ARG A 91 -3.78 5.09 -1.63
N SER A 92 -3.36 4.83 -2.85
CA SER A 92 -3.77 5.63 -4.00
C SER A 92 -5.30 5.64 -4.11
N ALA A 93 -5.92 4.46 -3.97
CA ALA A 93 -7.37 4.38 -3.98
C ALA A 93 -7.98 5.24 -2.88
N GLU A 94 -7.40 5.19 -1.68
CA GLU A 94 -7.95 5.94 -0.54
C GLU A 94 -7.89 7.44 -0.81
N ILE A 95 -6.77 7.91 -1.36
CA ILE A 95 -6.59 9.34 -1.61
C ILE A 95 -7.61 9.83 -2.63
N PHE A 96 -7.76 9.10 -3.73
CA PHE A 96 -8.55 9.52 -4.88
C PHE A 96 -10.04 9.28 -4.71
N ASN A 97 -10.48 8.81 -3.56
CA ASN A 97 -11.90 8.57 -3.31
C ASN A 97 -12.34 9.38 -2.09
N LYS A 98 -12.38 10.70 -2.27
CA LYS A 98 -12.79 11.66 -1.25
C LYS A 98 -14.24 11.45 -0.85
N SER A 105 -7.58 16.15 -4.17
CA SER A 105 -6.48 16.74 -4.93
C SER A 105 -6.45 16.24 -6.37
N ASP A 106 -7.09 17.00 -7.25
CA ASP A 106 -6.94 16.74 -8.67
C ASP A 106 -5.58 17.15 -9.19
N LEU A 107 -4.89 18.06 -8.47
CA LEU A 107 -3.55 18.46 -8.89
C LEU A 107 -2.60 17.27 -8.88
N LEU A 108 -2.72 16.40 -7.87
CA LEU A 108 -1.94 15.18 -7.88
C LEU A 108 -2.30 14.31 -9.07
N GLU A 109 -3.59 14.21 -9.40
CA GLU A 109 -4.00 13.47 -10.59
C GLU A 109 -3.39 14.09 -11.84
N GLU A 110 -3.45 15.42 -11.96
CA GLU A 110 -2.93 16.05 -13.17
C GLU A 110 -1.43 15.84 -13.30
N ARG A 111 -0.71 15.85 -12.17
CA ARG A 111 0.72 15.57 -12.21
C ARG A 111 0.99 14.15 -12.65
N ILE A 112 0.18 13.20 -12.16
CA ILE A 112 0.31 11.81 -12.58
C ILE A 112 0.10 11.69 -14.09
N ARG A 113 -0.84 12.45 -14.65
CA ARG A 113 -1.16 12.35 -16.07
C ARG A 113 -0.11 13.02 -16.96
N ASN A 114 0.83 13.77 -16.39
CA ASN A 114 1.91 14.39 -17.15
C ASN A 114 3.24 14.06 -16.47
N SER A 115 3.56 12.77 -16.45
CA SER A 115 4.71 12.30 -15.69
C SER A 115 5.58 11.33 -16.47
N GLY A 116 5.32 11.17 -17.77
CA GLY A 116 5.99 10.17 -18.55
C GLY A 116 5.32 8.81 -18.54
N ILE A 117 4.25 8.63 -17.74
CA ILE A 117 3.52 7.36 -17.69
C ILE A 117 2.45 7.37 -18.76
N SER A 118 2.39 6.29 -19.53
CA SER A 118 1.45 6.20 -20.64
C SER A 118 0.00 6.24 -20.16
N ASP A 119 -0.86 6.89 -20.94
CA ASP A 119 -2.29 6.82 -20.69
C ASP A 119 -2.81 5.39 -20.79
N GLU A 120 -2.10 4.52 -21.51
CA GLU A 120 -2.48 3.11 -21.57
C GLU A 120 -2.37 2.43 -20.22
N TYR A 121 -1.55 2.96 -19.32
CA TYR A 121 -1.47 2.47 -17.95
C TYR A 121 -2.36 3.25 -16.99
N ILE A 122 -2.36 4.58 -17.10
CA ILE A 122 -3.04 5.42 -16.11
C ILE A 122 -4.55 5.20 -16.15
N THR A 123 -5.14 5.20 -17.34
CA THR A 123 -6.60 5.06 -17.44
C THR A 123 -7.10 3.77 -16.79
N PRO A 124 -6.55 2.58 -17.11
CA PRO A 124 -6.99 1.38 -16.39
C PRO A 124 -6.73 1.43 -14.89
N MET A 125 -5.65 2.09 -14.44
CA MET A 125 -5.37 2.12 -13.00
C MET A 125 -6.34 3.05 -12.28
N PHE A 126 -6.68 4.19 -12.88
CA PHE A 126 -7.65 5.07 -12.24
C PHE A 126 -9.04 4.45 -12.27
N SER A 127 -9.35 3.65 -13.29
CA SER A 127 -10.61 2.90 -13.27
C SER A 127 -10.61 1.90 -12.14
N PHE A 128 -9.46 1.27 -11.88
CA PHE A 128 -9.33 0.37 -10.74
C PHE A 128 -9.51 1.12 -9.42
N TYR A 129 -8.87 2.28 -9.29
CA TYR A 129 -9.06 3.07 -8.06
C TYR A 129 -10.53 3.45 -7.88
N LYS A 130 -11.23 3.72 -8.98
CA LYS A 130 -12.64 4.05 -8.85
C LYS A 130 -13.46 2.83 -8.46
N SER A 131 -13.11 1.66 -8.99
CA SER A 131 -13.80 0.44 -8.58
C SER A 131 -13.60 0.18 -7.09
N ILE A 132 -12.42 0.53 -6.56
CA ILE A 132 -12.20 0.44 -5.12
C ILE A 132 -13.04 1.48 -4.40
N GLY A 133 -13.15 2.70 -4.97
CA GLY A 133 -13.97 3.72 -4.35
C GLY A 133 -15.45 3.38 -4.26
N GLU A 134 -15.98 2.64 -5.24
CA GLU A 134 -17.39 2.26 -5.20
C GLU A 134 -17.74 1.44 -3.98
N LEU A 135 -16.75 0.80 -3.35
CA LEU A 135 -16.98 0.02 -2.15
C LEU A 135 -17.24 0.88 -0.92
N LYS A 136 -16.95 2.18 -1.00
CA LYS A 136 -17.25 3.14 0.06
C LYS A 136 -16.70 2.67 1.40
N MET A 137 -15.43 2.28 1.41
CA MET A 137 -14.80 1.76 2.60
C MET A 137 -14.51 2.86 3.62
N THR A 138 -14.57 2.50 4.89
CA THR A 138 -14.10 3.36 5.96
C THR A 138 -12.58 3.30 6.06
N GLN A 139 -12.01 4.22 6.84
CA GLN A 139 -10.56 4.19 7.08
C GLN A 139 -10.17 2.90 7.80
N GLU A 140 -11.00 2.39 8.70
CA GLU A 140 -10.69 1.13 9.34
C GLU A 140 -10.58 0.00 8.32
N GLU A 141 -11.44 0.02 7.31
CA GLU A 141 -11.39 -1.03 6.28
C GLU A 141 -10.15 -0.88 5.41
N TYR A 142 -9.80 0.34 5.01
CA TYR A 142 -8.54 0.54 4.28
C TYR A 142 -7.35 0.06 5.09
N ALA A 143 -7.34 0.36 6.40
CA ALA A 143 -6.21 0.00 7.25
C ALA A 143 -6.09 -1.53 7.38
N LEU A 144 -7.21 -2.19 7.63
CA LEU A 144 -7.18 -3.65 7.74
C LEU A 144 -6.83 -4.30 6.42
N LEU A 145 -7.37 -3.80 5.31
CA LEU A 145 -7.04 -4.40 4.02
C LEU A 145 -5.56 -4.25 3.73
N THR A 146 -4.98 -3.11 4.10
CA THR A 146 -3.55 -2.90 3.93
C THR A 146 -2.74 -3.87 4.80
N ALA A 147 -3.16 -4.05 6.07
CA ALA A 147 -2.46 -5.01 6.92
C ALA A 147 -2.58 -6.43 6.36
N ILE A 148 -3.73 -6.75 5.77
CA ILE A 148 -3.95 -8.09 5.22
C ILE A 148 -3.05 -8.32 4.00
N VAL A 149 -2.83 -7.29 3.17
CA VAL A 149 -1.98 -7.52 2.00
C VAL A 149 -0.51 -7.61 2.41
N ILE A 150 -0.12 -6.88 3.46
CA ILE A 150 1.25 -6.98 3.96
C ILE A 150 1.50 -8.36 4.53
N LEU A 151 0.57 -8.86 5.35
CA LEU A 151 0.76 -10.16 5.99
C LEU A 151 0.17 -11.27 5.12
N SER A 152 0.68 -11.34 3.89
N SER A 152 0.67 -11.33 3.89
CA SER A 152 0.21 -12.31 2.91
CA SER A 152 0.18 -12.32 2.93
C SER A 152 1.03 -13.59 3.02
C SER A 152 1.03 -13.58 3.01
N PRO A 153 0.46 -14.71 3.44
CA PRO A 153 1.24 -15.95 3.57
C PRO A 153 1.63 -16.58 2.24
N ASP A 154 1.17 -16.08 1.10
CA ASP A 154 1.53 -16.67 -0.18
C ASP A 154 2.53 -15.83 -0.96
N ARG A 155 3.19 -14.87 -0.32
CA ARG A 155 4.17 -14.05 -1.02
C ARG A 155 5.41 -14.84 -1.40
N GLN A 156 6.05 -14.41 -2.48
CA GLN A 156 7.33 -14.98 -2.87
C GLN A 156 8.35 -14.90 -1.73
N TYR A 157 9.15 -15.96 -1.60
CA TYR A 157 10.35 -16.07 -0.76
C TYR A 157 10.08 -16.28 0.72
N ILE A 158 8.82 -16.42 1.14
CA ILE A 158 8.51 -16.61 2.56
C ILE A 158 8.91 -18.02 2.97
N LYS A 159 9.70 -18.11 4.04
CA LYS A 159 10.12 -19.42 4.52
C LYS A 159 9.07 -20.06 5.44
N ASP A 160 8.51 -19.30 6.37
CA ASP A 160 7.56 -19.82 7.34
C ASP A 160 6.19 -19.22 7.04
N ARG A 161 5.51 -19.82 6.06
CA ARG A 161 4.22 -19.28 5.65
C ARG A 161 3.15 -19.48 6.72
N GLU A 162 3.24 -20.55 7.50
CA GLU A 162 2.21 -20.77 8.51
C GLU A 162 2.26 -19.69 9.58
N ALA A 163 3.47 -19.19 9.90
CA ALA A 163 3.61 -18.10 10.84
C ALA A 163 2.94 -16.82 10.34
N VAL A 164 3.04 -16.55 9.05
CA VAL A 164 2.35 -15.38 8.52
C VAL A 164 0.84 -15.59 8.53
N GLU A 165 0.41 -16.78 8.18
CA GLU A 165 -1.03 -17.10 8.16
C GLU A 165 -1.67 -16.89 9.54
N LYS A 166 -0.97 -17.27 10.62
CA LYS A 166 -1.57 -17.05 11.93
C LYS A 166 -1.67 -15.58 12.29
N LEU A 167 -0.90 -14.69 11.63
CA LEU A 167 -1.12 -13.26 11.86
C LEU A 167 -2.22 -12.72 10.96
N GLN A 168 -2.32 -13.24 9.73
CA GLN A 168 -3.31 -12.71 8.79
C GLN A 168 -4.73 -13.15 9.13
N GLU A 169 -4.90 -14.37 9.63
CA GLU A 169 -6.25 -14.87 9.89
C GLU A 169 -7.04 -13.98 10.84
N PRO A 170 -6.49 -13.51 11.97
CA PRO A 170 -7.29 -12.62 12.85
C PRO A 170 -7.67 -11.31 12.19
N LEU A 171 -6.82 -10.76 11.31
CA LEU A 171 -7.19 -9.55 10.61
C LEU A 171 -8.38 -9.79 9.69
N LEU A 172 -8.40 -10.93 8.99
CA LEU A 172 -9.54 -11.22 8.14
C LEU A 172 -10.82 -11.33 8.96
N ASP A 173 -10.73 -11.91 10.17
CA ASP A 173 -11.92 -12.03 11.00
C ASP A 173 -12.42 -10.64 11.42
N VAL A 174 -11.50 -9.74 11.77
CA VAL A 174 -11.91 -8.38 12.13
C VAL A 174 -12.52 -7.67 10.93
N LEU A 175 -11.91 -7.83 9.76
CA LEU A 175 -12.43 -7.14 8.57
C LEU A 175 -13.85 -7.59 8.25
N GLN A 176 -14.10 -8.91 8.34
CA GLN A 176 -15.44 -9.45 8.07
C GLN A 176 -16.46 -8.81 9.00
N LYS A 177 -16.08 -8.59 10.27
CA LYS A 177 -16.99 -7.96 11.21
C LYS A 177 -17.19 -6.49 10.90
N LEU A 178 -16.10 -5.78 10.57
CA LEU A 178 -16.22 -4.38 10.13
C LEU A 178 -17.17 -4.23 8.96
N CYS A 179 -17.14 -5.17 8.02
CA CYS A 179 -18.02 -5.06 6.87
C CYS A 179 -19.48 -5.17 7.33
N LYS A 180 -19.75 -6.08 8.28
CA LYS A 180 -21.12 -6.23 8.77
C LYS A 180 -21.53 -5.01 9.60
N ILE A 181 -20.57 -4.37 10.26
CA ILE A 181 -20.90 -3.23 11.12
C ILE A 181 -21.12 -1.97 10.29
N HIS A 182 -20.26 -1.76 9.29
CA HIS A 182 -20.26 -0.51 8.54
C HIS A 182 -21.17 -0.54 7.31
N GLN A 183 -21.36 -1.72 6.69
CA GLN A 183 -22.29 -1.86 5.56
C GLN A 183 -23.32 -2.96 5.80
N PRO A 184 -24.13 -2.83 6.85
CA PRO A 184 -25.05 -3.92 7.20
C PRO A 184 -26.10 -4.21 6.15
N GLU A 185 -26.44 -3.25 5.31
CA GLU A 185 -27.44 -3.48 4.27
C GLU A 185 -26.85 -4.08 3.00
N ASN A 186 -25.55 -4.38 3.00
CA ASN A 186 -24.87 -4.99 1.85
C ASN A 186 -24.09 -6.19 2.36
N PRO A 187 -24.77 -7.33 2.55
CA PRO A 187 -24.06 -8.51 3.08
C PRO A 187 -22.98 -9.05 2.15
N GLN A 188 -22.93 -8.64 0.89
CA GLN A 188 -21.85 -9.09 0.01
C GLN A 188 -20.58 -8.23 0.10
N HIS A 189 -20.55 -7.21 0.97
CA HIS A 189 -19.45 -6.25 0.99
C HIS A 189 -18.08 -6.91 1.21
N PHE A 190 -17.96 -7.75 2.24
CA PHE A 190 -16.67 -8.42 2.50
C PHE A 190 -16.20 -9.24 1.30
N ALA A 191 -17.11 -9.99 0.68
CA ALA A 191 -16.74 -10.75 -0.52
C ALA A 191 -16.26 -9.83 -1.64
N CYS A 192 -16.88 -8.64 -1.78
CA CYS A 192 -16.44 -7.70 -2.80
C CYS A 192 -15.06 -7.14 -2.49
N LEU A 193 -14.78 -6.91 -1.22
CA LEU A 193 -13.43 -6.46 -0.83
C LEU A 193 -12.40 -7.51 -1.21
N LEU A 194 -12.68 -8.78 -0.91
CA LEU A 194 -11.73 -9.83 -1.23
C LEU A 194 -11.57 -10.00 -2.74
N GLY A 195 -12.64 -9.78 -3.49
CA GLY A 195 -12.51 -9.83 -4.94
C GLY A 195 -11.59 -8.75 -5.46
N ARG A 196 -11.63 -7.56 -4.85
CA ARG A 196 -10.71 -6.50 -5.23
C ARG A 196 -9.28 -6.82 -4.82
N LEU A 197 -9.10 -7.53 -3.71
CA LEU A 197 -7.76 -7.97 -3.33
C LEU A 197 -7.14 -8.83 -4.42
N THR A 198 -7.94 -9.71 -5.00
CA THR A 198 -7.44 -10.57 -6.06
C THR A 198 -6.93 -9.76 -7.25
N GLU A 199 -7.68 -8.73 -7.66
CA GLU A 199 -7.26 -7.93 -8.81
C GLU A 199 -6.14 -6.97 -8.46
N LEU A 200 -6.06 -6.58 -7.19
CA LEU A 200 -4.89 -5.85 -6.71
C LEU A 200 -3.61 -6.57 -7.10
N ARG A 201 -3.60 -7.90 -6.98
CA ARG A 201 -2.41 -8.70 -7.27
C ARG A 201 -2.04 -8.68 -8.73
N THR A 202 -3.03 -8.62 -9.63
CA THR A 202 -2.71 -8.60 -11.04
C THR A 202 -1.97 -7.33 -11.43
N PHE A 203 -2.14 -6.24 -10.69
CA PHE A 203 -1.48 -5.00 -11.03
C PHE A 203 -0.04 -4.93 -10.57
N ASN A 204 0.42 -5.89 -9.75
CA ASN A 204 1.85 -6.06 -9.53
C ASN A 204 2.59 -6.17 -10.85
N HIS A 205 2.06 -6.99 -11.76
CA HIS A 205 2.77 -7.25 -13.00
C HIS A 205 2.68 -6.05 -13.94
N HIS A 206 1.52 -5.39 -14.00
CA HIS A 206 1.37 -4.22 -14.85
C HIS A 206 2.34 -3.12 -14.44
N HIS A 207 2.36 -2.80 -13.14
CA HIS A 207 3.32 -1.83 -12.62
C HIS A 207 4.74 -2.19 -13.03
N ALA A 208 5.12 -3.45 -12.83
CA ALA A 208 6.46 -3.89 -13.20
C ALA A 208 6.71 -3.71 -14.69
N GLU A 209 5.72 -4.03 -15.52
CA GLU A 209 5.88 -3.86 -16.97
C GLU A 209 5.95 -2.38 -17.34
N MET A 210 5.20 -1.54 -16.63
CA MET A 210 5.24 -0.10 -16.89
C MET A 210 6.62 0.47 -16.59
N LEU A 211 7.27 -0.03 -15.54
CA LEU A 211 8.55 0.53 -15.10
C LEU A 211 9.64 0.35 -16.15
N MET A 212 9.56 -0.71 -16.94
CA MET A 212 10.58 -0.93 -17.97
C MET A 212 10.64 0.20 -18.98
N SER A 213 9.59 1.03 -19.10
CA SER A 213 9.55 2.09 -20.10
C SER A 213 9.36 3.48 -19.51
N TRP A 214 9.07 3.61 -18.21
CA TRP A 214 8.85 4.92 -17.60
C TRP A 214 10.18 5.64 -17.46
N ARG A 215 10.41 6.67 -18.27
CA ARG A 215 11.62 7.48 -18.20
C ARG A 215 11.28 8.90 -18.64
N VAL A 216 11.85 9.88 -17.92
CA VAL A 216 11.62 11.29 -18.21
C VAL A 216 12.98 11.98 -18.14
N ASN A 217 13.49 12.44 -19.28
CA ASN A 217 14.80 13.12 -19.34
C ASN A 217 15.91 12.24 -18.78
N ASP A 218 15.76 10.91 -18.90
CA ASP A 218 16.73 9.94 -18.39
C ASP A 218 17.01 10.10 -16.89
N HIS A 219 16.03 10.61 -16.16
CA HIS A 219 16.17 10.70 -14.71
C HIS A 219 16.13 9.32 -14.08
N LYS A 220 16.75 9.22 -12.91
CA LYS A 220 16.81 7.97 -12.16
C LYS A 220 15.75 7.94 -11.06
N PHE A 221 15.30 6.72 -10.74
CA PHE A 221 14.51 6.46 -9.54
C PHE A 221 15.43 6.50 -8.33
N THR A 222 14.88 6.88 -7.17
CA THR A 222 15.68 6.94 -5.95
C THR A 222 16.23 5.56 -5.60
N PRO A 223 17.32 5.50 -4.82
CA PRO A 223 17.84 4.19 -4.42
C PRO A 223 16.82 3.29 -3.78
N LEU A 224 15.96 3.82 -2.91
CA LEU A 224 14.97 2.98 -2.23
C LEU A 224 13.96 2.40 -3.22
N LEU A 225 13.52 3.21 -4.19
CA LEU A 225 12.57 2.69 -5.19
C LEU A 225 13.24 1.66 -6.09
N CYS A 226 14.52 1.86 -6.43
CA CYS A 226 15.24 0.86 -7.20
C CYS A 226 15.28 -0.48 -6.47
N GLU A 227 15.46 -0.45 -5.16
CA GLU A 227 15.45 -1.67 -4.36
C GLU A 227 14.08 -2.33 -4.39
N ILE A 228 13.05 -1.55 -4.05
CA ILE A 228 11.76 -2.14 -3.76
C ILE A 228 10.95 -2.39 -5.03
N TRP A 229 11.18 -1.61 -6.09
CA TRP A 229 10.50 -1.83 -7.36
C TRP A 229 11.33 -2.66 -8.33
N ASP A 230 12.54 -3.08 -7.93
CA ASP A 230 13.44 -3.85 -8.78
C ASP A 230 13.73 -3.14 -10.10
N VAL A 231 14.24 -1.92 -9.99
CA VAL A 231 14.78 -1.19 -11.13
C VAL A 231 16.30 -1.34 -11.07
N GLN A 232 16.85 -2.19 -11.94
CA GLN A 232 18.28 -2.46 -11.94
C GLN A 232 18.86 -2.25 -13.34
N LYS B 1 24.93 -6.66 0.43
CA LYS B 1 23.64 -7.14 0.91
C LYS B 1 22.52 -6.76 -0.04
N GLU B 2 21.59 -7.69 -0.27
CA GLU B 2 20.41 -7.37 -1.07
C GLU B 2 19.43 -6.52 -0.26
N ASN B 3 18.81 -5.56 -0.94
CA ASN B 3 17.83 -4.67 -0.33
C ASN B 3 18.40 -3.97 0.92
N ALA B 4 19.57 -3.37 0.74
CA ALA B 4 20.28 -2.79 1.88
C ALA B 4 19.50 -1.67 2.53
N LEU B 5 18.81 -0.83 1.74
CA LEU B 5 18.06 0.27 2.32
C LEU B 5 16.85 -0.23 3.07
N LEU B 6 16.14 -1.20 2.49
CA LEU B 6 14.99 -1.77 3.16
C LEU B 6 15.39 -2.37 4.50
N ARG B 7 16.53 -3.05 4.56
CA ARG B 7 16.98 -3.65 5.82
C ARG B 7 17.28 -2.57 6.83
N TYR B 8 17.99 -1.52 6.39
CA TYR B 8 18.28 -0.36 7.22
C TYR B 8 17.00 0.20 7.85
N LEU B 9 15.97 0.40 7.03
CA LEU B 9 14.73 0.98 7.54
C LEU B 9 14.01 0.04 8.50
N LEU B 10 14.00 -1.26 8.19
CA LEU B 10 13.33 -2.20 9.08
C LEU B 10 14.00 -2.24 10.44
N ASP B 11 15.34 -2.24 10.47
CA ASP B 11 16.04 -2.39 11.74
C ASP B 11 16.17 -1.09 12.51
N LYS B 12 15.87 0.05 11.89
CA LYS B 12 16.06 1.34 12.54
C LYS B 12 14.84 1.68 13.38
N ASP B 13 15.07 1.94 14.66
CA ASP B 13 13.98 2.26 15.58
C ASP B 13 13.40 3.65 15.31
#